data_3VGL
#
_entry.id   3VGL
#
_cell.length_a   69.580
_cell.length_b   87.730
_cell.length_c   125.390
_cell.angle_alpha   90.000
_cell.angle_beta   90.000
_cell.angle_gamma   90.000
#
_symmetry.space_group_name_H-M   'I 2 2 2'
#
loop_
_entity.id
_entity.type
_entity.pdbx_description
1 polymer Glucokinase
2 non-polymer 'ZINC ION'
3 non-polymer 'SODIUM ION'
4 non-polymer beta-D-glucopyranose
5 non-polymer 'PHOSPHOAMINOPHOSPHONIC ACID-ADENYLATE ESTER'
6 water water
#
_entity_poly.entity_id   1
_entity_poly.type   'polypeptide(L)'
_entity_poly.pdbx_seq_one_letter_code
;MGLTIGVDIGGTKIAAGVVDEEGRILSTFKVATPPTAEGIVDAICAAVAGASEGHDVEAVGIGAAGYVDDKRATVLFAPN
IDWRHEPLKDKVEQRVGLPVVVENDANAAAWGEYRFGAGQGHDDVICITLGTGLGGGIIIGNKLRRGRFGVAAEFGHIRV
VPDGLLCGCGSQGCWEQYASGRALVRYAKQRANATPENAAVLLGLGDGSVDGIEGKHISEAARQGDPVAVDSFRELARWA
GAGLADLASLFDPSAFIVGGGVSDEGELVLDPIRKSFRRWLIGGEWRPHAQVLAAQLGGKAGLVGAADLARQGLEHHHHH
H
;
_entity_poly.pdbx_strand_id   A
#
loop_
_chem_comp.id
_chem_comp.type
_chem_comp.name
_chem_comp.formula
ANP non-polymer 'PHOSPHOAMINOPHOSPHONIC ACID-ADENYLATE ESTER' 'C10 H17 N6 O12 P3'
BGC D-saccharide, beta linking beta-D-glucopyranose 'C6 H12 O6'
NA non-polymer 'SODIUM ION' 'Na 1'
ZN non-polymer 'ZINC ION' 'Zn 2'
#
# COMPACT_ATOMS: atom_id res chain seq x y z
N GLY A 2 -17.65 16.61 -10.42
CA GLY A 2 -16.51 17.52 -10.73
C GLY A 2 -15.20 16.85 -10.40
N LEU A 3 -14.19 17.68 -10.12
CA LEU A 3 -12.86 17.18 -9.77
C LEU A 3 -12.64 17.24 -8.27
N THR A 4 -11.99 16.21 -7.74
CA THR A 4 -11.54 16.20 -6.36
C THR A 4 -10.04 15.96 -6.34
N ILE A 5 -9.42 16.16 -5.18
CA ILE A 5 -8.02 15.83 -5.00
C ILE A 5 -7.93 14.60 -4.12
N GLY A 6 -7.08 13.66 -4.50
CA GLY A 6 -6.71 12.55 -3.59
C GLY A 6 -5.30 12.78 -3.08
N VAL A 7 -5.08 12.51 -1.77
CA VAL A 7 -3.75 12.62 -1.16
C VAL A 7 -3.44 11.31 -0.44
N ASP A 8 -2.39 10.61 -0.88
CA ASP A 8 -2.01 9.35 -0.23
C ASP A 8 -0.83 9.66 0.66
N ILE A 9 -1.01 9.49 1.98
CA ILE A 9 0.06 9.75 2.93
C ILE A 9 0.59 8.42 3.47
N GLY A 10 1.77 8.06 3.01
CA GLY A 10 2.40 6.80 3.43
C GLY A 10 3.54 7.05 4.38
N GLY A 11 4.13 5.98 4.90
CA GLY A 11 5.29 6.08 5.80
C GLY A 11 6.49 6.80 5.17
N THR A 12 6.61 6.72 3.84
CA THR A 12 7.78 7.26 3.14
C THR A 12 7.39 8.47 2.30
N LYS A 13 6.27 8.37 1.58
CA LYS A 13 5.90 9.34 0.54
C LYS A 13 4.50 9.89 0.72
N ILE A 14 4.35 11.16 0.34
CA ILE A 14 3.02 11.75 0.14
C ILE A 14 2.82 11.98 -1.35
N ALA A 15 1.68 11.54 -1.88
CA ALA A 15 1.35 11.77 -3.29
C ALA A 15 -0.06 12.30 -3.40
N ALA A 16 -0.22 13.34 -4.24
CA ALA A 16 -1.55 13.89 -4.45
C ALA A 16 -1.80 14.09 -5.92
N GLY A 17 -3.08 14.11 -6.27
CA GLY A 17 -3.46 14.43 -7.64
C GLY A 17 -4.91 14.76 -7.77
N VAL A 18 -5.22 15.55 -8.81
CA VAL A 18 -6.60 15.80 -9.18
C VAL A 18 -7.09 14.59 -9.95
N VAL A 19 -8.29 14.15 -9.61
CA VAL A 19 -8.85 12.93 -10.21
C VAL A 19 -10.26 13.24 -10.67
N ASP A 20 -10.55 12.86 -11.92
CA ASP A 20 -11.88 13.08 -12.47
C ASP A 20 -12.81 11.94 -12.12
N GLU A 21 -14.04 12.03 -12.63
CA GLU A 21 -15.13 11.08 -12.30
C GLU A 21 -14.88 9.66 -12.81
N GLU A 22 -14.02 9.53 -13.82
CA GLU A 22 -13.67 8.23 -14.40
C GLU A 22 -12.33 7.70 -13.86
N GLY A 23 -11.82 8.36 -12.82
CA GLY A 23 -10.58 7.99 -12.16
C GLY A 23 -9.33 8.31 -12.95
N ARG A 24 -9.45 9.23 -13.92
CA ARG A 24 -8.28 9.67 -14.65
C ARG A 24 -7.55 10.64 -13.74
N ILE A 25 -6.24 10.45 -13.66
CA ILE A 25 -5.39 11.33 -12.91
C ILE A 25 -5.01 12.51 -13.83
N LEU A 26 -5.34 13.73 -13.39
CA LEU A 26 -5.05 14.94 -14.17
C LEU A 26 -3.84 15.74 -13.73
N SER A 27 -3.32 15.45 -12.53
CA SER A 27 -2.11 16.11 -12.05
C SER A 27 -1.40 15.22 -11.04
N THR A 28 -0.11 15.52 -10.82
CA THR A 28 0.76 14.76 -9.93
C THR A 28 1.55 15.71 -9.04
N PHE A 29 1.58 15.40 -7.74
CA PHE A 29 2.48 16.10 -6.83
C PHE A 29 3.03 15.05 -5.87
N LYS A 30 4.33 15.10 -5.61
CA LYS A 30 4.99 14.16 -4.69
C LYS A 30 5.90 14.91 -3.71
N VAL A 31 5.93 14.49 -2.46
CA VAL A 31 6.89 15.01 -1.49
C VAL A 31 7.13 13.94 -0.44
N ALA A 32 8.30 13.94 0.18
CA ALA A 32 8.59 12.99 1.27
C ALA A 32 7.72 13.28 2.49
N THR A 33 7.29 12.21 3.15
CA THR A 33 6.54 12.34 4.39
C THR A 33 7.44 12.87 5.50
N PRO A 34 7.09 14.03 6.07
CA PRO A 34 7.86 14.58 7.19
C PRO A 34 7.70 13.76 8.47
N PRO A 35 8.64 13.91 9.41
CA PRO A 35 8.64 13.09 10.62
C PRO A 35 7.65 13.49 11.73
N THR A 36 7.07 14.69 11.66
CA THR A 36 6.12 15.11 12.72
C THR A 36 4.72 15.34 12.15
N ALA A 37 3.73 15.17 13.01
CA ALA A 37 2.33 15.36 12.63
C ALA A 37 2.05 16.76 12.10
N GLU A 38 2.68 17.76 12.72
CA GLU A 38 2.51 19.16 12.28
C GLU A 38 3.16 19.38 10.90
N GLY A 39 4.35 18.81 10.71
CA GLY A 39 5.02 18.86 9.42
C GLY A 39 4.22 18.15 8.35
N ILE A 40 3.56 17.05 8.72
CA ILE A 40 2.69 16.33 7.77
C ILE A 40 1.50 17.18 7.34
N VAL A 41 0.88 17.90 8.27
CA VAL A 41 -0.22 18.79 7.86
C VAL A 41 0.28 19.86 6.87
N ASP A 42 1.44 20.44 7.14
CA ASP A 42 2.07 21.39 6.21
C ASP A 42 2.26 20.78 4.82
N ALA A 43 2.80 19.55 4.78
CA ALA A 43 3.06 18.84 3.54
C ALA A 43 1.79 18.49 2.78
N ILE A 44 0.73 18.13 3.52
CA ILE A 44 -0.59 17.88 2.90
C ILE A 44 -1.07 19.15 2.22
N CYS A 45 -0.95 20.27 2.90
CA CYS A 45 -1.35 21.55 2.32
C CYS A 45 -0.55 21.89 1.06
N ALA A 46 0.76 21.64 1.10
CA ALA A 46 1.63 21.87 -0.07
C ALA A 46 1.26 20.93 -1.22
N ALA A 47 0.97 19.67 -0.90
CA ALA A 47 0.53 18.69 -1.90
C ALA A 47 -0.78 19.06 -2.56
N VAL A 48 -1.76 19.47 -1.74
CA VAL A 48 -3.05 19.91 -2.26
C VAL A 48 -2.87 21.13 -3.16
N ALA A 49 -2.11 22.12 -2.70
CA ALA A 49 -1.85 23.33 -3.50
C ALA A 49 -1.16 23.01 -4.84
N GLY A 50 -0.12 22.18 -4.78
CA GLY A 50 0.62 21.77 -5.98
C GLY A 50 -0.21 20.98 -6.97
N ALA A 51 -0.94 19.98 -6.49
CA ALA A 51 -1.77 19.16 -7.38
C ALA A 51 -2.95 19.95 -7.97
N SER A 52 -3.41 20.95 -7.22
CA SER A 52 -4.61 21.71 -7.58
C SER A 52 -4.34 22.76 -8.64
N GLU A 53 -3.07 23.07 -8.90
CA GLU A 53 -2.71 24.11 -9.90
C GLU A 53 -3.43 23.90 -11.21
N GLY A 54 -4.19 24.93 -11.63
CA GLY A 54 -4.94 24.88 -12.88
C GLY A 54 -6.33 24.27 -12.84
N HIS A 55 -6.73 23.74 -11.69
CA HIS A 55 -7.95 22.93 -11.65
C HIS A 55 -8.95 23.44 -10.65
N ASP A 56 -10.23 23.35 -11.00
CA ASP A 56 -11.32 23.66 -10.07
C ASP A 56 -11.63 22.40 -9.24
N VAL A 57 -11.28 22.44 -7.95
CA VAL A 57 -11.35 21.28 -7.06
C VAL A 57 -12.44 21.44 -5.99
N GLU A 58 -13.25 20.39 -5.81
CA GLU A 58 -14.46 20.40 -4.98
C GLU A 58 -14.28 19.81 -3.58
N ALA A 59 -13.36 18.86 -3.44
CA ALA A 59 -13.15 18.18 -2.17
C ALA A 59 -11.77 17.56 -2.14
N VAL A 60 -11.35 17.15 -0.94
CA VAL A 60 -10.05 16.47 -0.74
C VAL A 60 -10.31 15.13 -0.04
N GLY A 61 -9.81 14.05 -0.62
CA GLY A 61 -9.81 12.74 0.05
C GLY A 61 -8.39 12.40 0.45
N ILE A 62 -8.21 11.98 1.69
CA ILE A 62 -6.91 11.59 2.21
C ILE A 62 -6.94 10.09 2.43
N GLY A 63 -5.97 9.39 1.85
CA GLY A 63 -5.72 7.97 2.20
C GLY A 63 -4.53 7.96 3.14
N ALA A 64 -4.77 7.66 4.42
CA ALA A 64 -3.75 7.79 5.44
C ALA A 64 -3.25 6.43 5.88
N ALA A 65 -1.93 6.28 6.01
CA ALA A 65 -1.33 5.01 6.44
C ALA A 65 -1.46 4.80 7.97
N GLY A 66 -2.68 4.57 8.41
CA GLY A 66 -2.88 4.22 9.82
C GLY A 66 -4.29 3.75 10.06
N TYR A 67 -4.57 3.44 11.33
CA TYR A 67 -5.89 3.00 11.77
C TYR A 67 -6.78 4.24 11.78
N VAL A 68 -7.77 4.26 10.88
CA VAL A 68 -8.71 5.39 10.76
C VAL A 68 -10.05 5.00 11.38
N ASP A 69 -10.67 5.95 12.08
CA ASP A 69 -11.94 5.71 12.78
C ASP A 69 -13.17 5.55 11.86
N ASP A 70 -14.30 5.10 12.42
CA ASP A 70 -15.50 4.82 11.63
C ASP A 70 -16.15 6.09 11.07
N LYS A 71 -15.85 7.23 11.68
CA LYS A 71 -16.31 8.53 11.21
C LYS A 71 -15.43 9.10 10.08
N ARG A 72 -14.37 8.39 9.71
CA ARG A 72 -13.53 8.80 8.58
C ARG A 72 -12.96 10.22 8.75
N ALA A 73 -12.42 10.47 9.94
CA ALA A 73 -11.95 11.81 10.29
C ALA A 73 -10.64 11.86 11.08
N THR A 74 -10.31 10.75 11.73
CA THR A 74 -9.22 10.72 12.69
C THR A 74 -8.35 9.49 12.47
N VAL A 75 -7.04 9.70 12.48
CA VAL A 75 -6.10 8.57 12.51
C VAL A 75 -5.88 8.17 13.97
N LEU A 76 -6.49 7.06 14.36
CA LEU A 76 -6.44 6.55 15.77
C LEU A 76 -5.02 6.16 16.15
N PHE A 77 -4.30 5.53 15.25
CA PHE A 77 -3.04 4.86 15.58
C PHE A 77 -2.30 4.63 14.25
N ALA A 78 -1.00 4.93 14.20
CA ALA A 78 -0.17 4.52 13.02
C ALA A 78 1.16 3.91 13.45
N PRO A 79 1.55 2.75 12.86
CA PRO A 79 2.81 2.15 13.28
C PRO A 79 4.06 2.80 12.74
N ASN A 80 3.98 3.46 11.58
CA ASN A 80 5.17 3.95 10.90
C ASN A 80 5.16 5.48 10.70
N ILE A 81 4.15 6.13 11.29
CA ILE A 81 4.01 7.59 11.25
C ILE A 81 3.60 8.00 12.68
N ASP A 82 4.01 9.18 13.12
CA ASP A 82 3.68 9.60 14.49
C ASP A 82 2.28 10.22 14.61
N TRP A 83 1.27 9.36 14.51
CA TRP A 83 -0.12 9.75 14.66
C TRP A 83 -0.74 8.97 15.82
N ARG A 84 -1.31 9.68 16.78
CA ARG A 84 -2.09 9.04 17.84
C ARG A 84 -3.34 9.89 18.03
N HIS A 85 -4.51 9.34 17.69
CA HIS A 85 -5.79 10.07 17.77
C HIS A 85 -5.67 11.44 17.08
N GLU A 86 -5.14 11.42 15.87
CA GLU A 86 -4.90 12.62 15.08
C GLU A 86 -6.15 13.10 14.30
N PRO A 87 -6.70 14.28 14.65
CA PRO A 87 -7.87 14.81 13.95
C PRO A 87 -7.51 15.43 12.59
N LEU A 88 -7.18 14.55 11.66
CA LEU A 88 -6.66 14.98 10.39
C LEU A 88 -7.69 15.73 9.55
N LYS A 89 -8.93 15.24 9.52
CA LYS A 89 -9.99 15.92 8.79
C LYS A 89 -10.12 17.37 9.22
N ASP A 90 -10.22 17.58 10.53
CA ASP A 90 -10.42 18.93 11.07
C ASP A 90 -9.27 19.85 10.74
N LYS A 91 -8.04 19.36 10.93
CA LYS A 91 -6.85 20.16 10.70
C LYS A 91 -6.68 20.56 9.23
N VAL A 92 -6.93 19.63 8.32
CA VAL A 92 -6.80 19.93 6.89
C VAL A 92 -7.96 20.81 6.40
N GLU A 93 -9.17 20.57 6.92
CA GLU A 93 -10.33 21.37 6.49
C GLU A 93 -10.14 22.83 6.83
N GLN A 94 -9.64 23.09 8.03
CA GLN A 94 -9.50 24.47 8.45
C GLN A 94 -8.40 25.19 7.67
N ARG A 95 -7.42 24.44 7.15
CA ARG A 95 -6.34 25.05 6.35
C ARG A 95 -6.55 25.13 4.83
N VAL A 96 -7.21 24.14 4.24
CA VAL A 96 -7.47 24.18 2.79
C VAL A 96 -8.82 24.80 2.42
N GLY A 97 -9.77 24.80 3.37
CA GLY A 97 -11.08 25.39 3.14
C GLY A 97 -11.97 24.61 2.19
N LEU A 98 -11.70 23.30 2.10
CA LEU A 98 -12.51 22.38 1.30
C LEU A 98 -12.96 21.23 2.19
N PRO A 99 -14.09 20.58 1.87
CA PRO A 99 -14.48 19.38 2.62
C PRO A 99 -13.43 18.29 2.45
N VAL A 100 -13.19 17.54 3.53
CA VAL A 100 -12.18 16.48 3.56
C VAL A 100 -12.81 15.21 4.13
N VAL A 101 -12.46 14.06 3.55
CA VAL A 101 -12.78 12.77 4.12
C VAL A 101 -11.44 12.10 4.35
N VAL A 102 -11.30 11.39 5.46
CA VAL A 102 -10.06 10.66 5.74
C VAL A 102 -10.37 9.18 5.71
N GLU A 103 -9.67 8.43 4.86
CA GLU A 103 -9.86 6.98 4.78
C GLU A 103 -8.50 6.33 5.03
N ASN A 104 -8.48 5.09 5.47
CA ASN A 104 -7.20 4.36 5.48
C ASN A 104 -6.68 4.23 4.05
N ASP A 105 -5.36 4.33 3.89
CA ASP A 105 -4.74 4.32 2.56
C ASP A 105 -5.00 3.08 1.74
N ALA A 106 -4.96 1.91 2.38
CA ALA A 106 -5.16 0.70 1.64
C ALA A 106 -6.65 0.42 1.41
N ASN A 107 -7.50 0.91 2.31
CA ASN A 107 -8.95 0.91 2.05
C ASN A 107 -9.20 1.71 0.77
N ALA A 108 -8.54 2.86 0.67
CA ALA A 108 -8.70 3.73 -0.50
C ALA A 108 -8.15 3.05 -1.77
N ALA A 109 -7.00 2.38 -1.66
CA ALA A 109 -6.45 1.64 -2.80
C ALA A 109 -7.42 0.54 -3.28
N ALA A 110 -8.01 -0.20 -2.34
CA ALA A 110 -9.00 -1.23 -2.68
C ALA A 110 -10.16 -0.62 -3.47
N TRP A 111 -10.68 0.48 -2.95
CA TRP A 111 -11.77 1.18 -3.61
C TRP A 111 -11.36 1.65 -5.03
N GLY A 112 -10.17 2.24 -5.15
CA GLY A 112 -9.68 2.72 -6.47
C GLY A 112 -9.61 1.58 -7.48
N GLU A 113 -9.09 0.43 -7.04
CA GLU A 113 -8.98 -0.73 -7.93
C GLU A 113 -10.32 -1.35 -8.25
N TYR A 114 -11.24 -1.32 -7.27
CA TYR A 114 -12.59 -1.85 -7.47
C TYR A 114 -13.33 -1.01 -8.54
N ARG A 115 -13.21 0.30 -8.41
CA ARG A 115 -13.91 1.21 -9.32
C ARG A 115 -13.26 1.35 -10.70
N PHE A 116 -11.93 1.42 -10.73
CA PHE A 116 -11.21 1.89 -11.92
C PHE A 116 -10.09 0.97 -12.35
N GLY A 117 -9.88 -0.14 -11.62
CA GLY A 117 -8.75 -0.98 -11.87
C GLY A 117 -9.06 -2.47 -11.95
N ALA A 118 -8.22 -3.27 -11.29
CA ALA A 118 -8.25 -4.73 -11.43
C ALA A 118 -9.47 -5.38 -10.77
N GLY A 119 -10.21 -4.63 -9.95
CA GLY A 119 -11.39 -5.15 -9.27
C GLY A 119 -12.70 -4.94 -10.01
N GLN A 120 -12.64 -4.22 -11.14
CA GLN A 120 -13.83 -3.99 -11.95
C GLN A 120 -14.49 -5.29 -12.37
N GLY A 121 -15.80 -5.39 -12.11
CA GLY A 121 -16.57 -6.59 -12.52
C GLY A 121 -16.68 -7.65 -11.44
N HIS A 122 -15.92 -7.48 -10.36
CA HIS A 122 -15.96 -8.39 -9.23
C HIS A 122 -16.93 -7.86 -8.16
N ASP A 123 -17.37 -8.73 -7.25
CA ASP A 123 -18.23 -8.32 -6.11
C ASP A 123 -17.50 -8.40 -4.78
N ASP A 124 -16.54 -9.32 -4.71
CA ASP A 124 -15.80 -9.61 -3.47
C ASP A 124 -14.33 -9.69 -3.81
N VAL A 125 -13.58 -8.65 -3.46
CA VAL A 125 -12.14 -8.63 -3.71
C VAL A 125 -11.39 -8.20 -2.46
N ILE A 126 -10.15 -8.66 -2.36
CA ILE A 126 -9.28 -8.26 -1.25
C ILE A 126 -8.01 -7.65 -1.81
N CYS A 127 -7.65 -6.49 -1.27
CA CYS A 127 -6.43 -5.77 -1.64
C CYS A 127 -5.41 -5.84 -0.52
N ILE A 128 -4.14 -6.05 -0.91
CA ILE A 128 -3.01 -5.83 0.00
C ILE A 128 -2.09 -4.84 -0.67
N THR A 129 -1.53 -3.93 0.13
CA THR A 129 -0.53 -3.01 -0.42
C THR A 129 0.80 -3.31 0.23
N LEU A 130 1.85 -3.32 -0.58
CA LEU A 130 3.22 -3.58 -0.11
C LEU A 130 4.03 -2.32 -0.27
N GLY A 131 4.43 -1.73 0.85
CA GLY A 131 5.12 -0.42 0.84
C GLY A 131 5.95 -0.30 2.09
N THR A 132 5.89 0.86 2.74
CA THR A 132 6.56 1.02 4.03
C THR A 132 6.07 -0.05 5.01
N GLY A 133 4.76 -0.27 4.95
CA GLY A 133 4.11 -1.33 5.71
C GLY A 133 3.27 -2.19 4.78
N LEU A 134 2.41 -3.01 5.36
CA LEU A 134 1.48 -3.80 4.57
C LEU A 134 0.07 -3.36 4.96
N GLY A 135 -0.70 -2.89 3.99
CA GLY A 135 -2.07 -2.47 4.23
C GLY A 135 -3.06 -3.42 3.58
N GLY A 136 -4.29 -3.41 4.08
CA GLY A 136 -5.36 -4.20 3.49
C GLY A 136 -6.58 -3.37 3.13
N GLY A 137 -7.42 -3.92 2.26
CA GLY A 137 -8.71 -3.30 1.94
C GLY A 137 -9.68 -4.40 1.56
N ILE A 138 -10.91 -4.25 1.99
CA ILE A 138 -11.94 -5.29 1.84
C ILE A 138 -13.11 -4.74 1.03
N ILE A 139 -13.40 -5.39 -0.09
CA ILE A 139 -14.66 -5.16 -0.81
C ILE A 139 -15.46 -6.46 -0.69
N ILE A 140 -16.62 -6.37 -0.03
CA ILE A 140 -17.53 -7.50 0.08
C ILE A 140 -18.91 -7.03 -0.33
N GLY A 141 -19.55 -7.77 -1.22
CA GLY A 141 -20.86 -7.37 -1.74
C GLY A 141 -20.83 -5.97 -2.33
N ASN A 142 -19.80 -5.70 -3.13
CA ASN A 142 -19.65 -4.44 -3.88
C ASN A 142 -19.50 -3.18 -3.01
N LYS A 143 -19.09 -3.37 -1.75
CA LYS A 143 -18.96 -2.27 -0.79
C LYS A 143 -17.66 -2.37 -0.01
N LEU A 144 -17.03 -1.23 0.21
CA LEU A 144 -15.86 -1.16 1.10
C LEU A 144 -16.29 -1.45 2.54
N ARG A 145 -15.57 -2.34 3.22
CA ARG A 145 -15.90 -2.70 4.59
C ARG A 145 -14.84 -2.25 5.58
N ARG A 146 -15.21 -1.31 6.42
CA ARG A 146 -14.30 -0.70 7.39
C ARG A 146 -14.45 -1.27 8.80
N GLY A 147 -15.48 -2.09 9.02
CA GLY A 147 -15.77 -2.69 10.31
C GLY A 147 -16.49 -1.77 11.28
N ARG A 148 -16.78 -2.28 12.47
CA ARG A 148 -17.55 -1.54 13.48
C ARG A 148 -16.87 -0.26 13.95
N PHE A 149 -15.56 -0.32 14.11
CA PHE A 149 -14.80 0.81 14.64
C PHE A 149 -13.92 1.49 13.61
N GLY A 150 -14.07 1.09 12.34
CA GLY A 150 -13.38 1.74 11.24
C GLY A 150 -12.03 1.13 10.93
N VAL A 151 -11.62 0.15 11.74
CA VAL A 151 -10.25 -0.36 11.66
C VAL A 151 -10.11 -1.80 11.17
N ALA A 152 -11.09 -2.27 10.39
CA ALA A 152 -10.93 -3.53 9.66
C ALA A 152 -9.77 -3.45 8.67
N ALA A 153 -9.35 -4.61 8.17
CA ALA A 153 -8.39 -4.70 7.08
C ALA A 153 -7.00 -4.19 7.48
N GLU A 154 -6.66 -4.35 8.75
CA GLU A 154 -5.30 -4.09 9.21
C GLU A 154 -4.47 -5.37 9.11
N PHE A 155 -4.39 -5.87 7.87
CA PHE A 155 -3.76 -7.17 7.63
C PHE A 155 -2.28 -7.19 8.01
N GLY A 156 -1.66 -6.01 7.99
CA GLY A 156 -0.21 -5.92 8.27
C GLY A 156 0.16 -6.36 9.67
N HIS A 157 -0.84 -6.40 10.57
CA HIS A 157 -0.56 -6.73 11.96
C HIS A 157 -1.18 -8.03 12.43
N ILE A 158 -1.55 -8.87 11.46
CA ILE A 158 -1.86 -10.27 11.75
C ILE A 158 -0.54 -10.94 12.11
N ARG A 159 -0.54 -11.78 13.13
CA ARG A 159 0.71 -12.38 13.61
C ARG A 159 1.00 -13.62 12.79
N VAL A 160 2.07 -13.56 12.02
CA VAL A 160 2.47 -14.70 11.21
C VAL A 160 3.59 -15.52 11.84
N VAL A 161 4.41 -14.90 12.71
CA VAL A 161 5.47 -15.66 13.41
C VAL A 161 5.31 -15.39 14.89
N PRO A 162 4.85 -16.39 15.66
CA PRO A 162 4.76 -16.13 17.10
C PRO A 162 6.13 -15.70 17.66
N ASP A 163 6.12 -14.67 18.50
CA ASP A 163 7.36 -14.16 19.09
C ASP A 163 8.37 -13.73 18.03
N GLY A 164 7.87 -13.31 16.87
CA GLY A 164 8.74 -12.87 15.74
C GLY A 164 9.22 -11.44 15.80
N LEU A 165 9.50 -10.88 14.62
CA LEU A 165 10.13 -9.57 14.52
C LEU A 165 9.34 -8.45 15.19
N LEU A 166 10.03 -7.52 15.85
CA LEU A 166 9.38 -6.32 16.38
C LEU A 166 8.75 -5.49 15.28
N CYS A 167 7.52 -5.04 15.53
CA CYS A 167 6.78 -4.18 14.60
C CYS A 167 6.56 -2.79 15.18
N GLY A 168 6.40 -1.78 14.31
CA GLY A 168 6.08 -0.42 14.73
C GLY A 168 4.80 -0.30 15.53
N CYS A 169 3.91 -1.28 15.40
CA CYS A 169 2.68 -1.28 16.18
C CYS A 169 2.88 -1.63 17.65
N GLY A 170 4.08 -2.10 17.98
CA GLY A 170 4.40 -2.50 19.35
C GLY A 170 4.32 -3.98 19.63
N SER A 171 3.82 -4.73 18.65
CA SER A 171 3.73 -6.20 18.78
C SER A 171 4.85 -6.90 18.04
N GLN A 172 4.84 -8.23 18.08
CA GLN A 172 5.87 -9.03 17.40
C GLN A 172 5.26 -9.96 16.38
N GLY A 173 6.00 -10.18 15.30
CA GLY A 173 5.65 -11.23 14.33
C GLY A 173 4.62 -10.85 13.29
N CYS A 174 4.29 -9.57 13.24
CA CYS A 174 3.31 -9.06 12.26
C CYS A 174 3.68 -9.34 10.81
N TRP A 175 2.65 -9.66 10.03
CA TRP A 175 2.85 -9.92 8.60
C TRP A 175 3.69 -8.84 7.90
N GLU A 176 3.47 -7.58 8.24
CA GLU A 176 4.18 -6.53 7.52
C GLU A 176 5.69 -6.54 7.74
N GLN A 177 6.16 -7.15 8.82
CA GLN A 177 7.62 -7.28 9.01
C GLN A 177 8.25 -8.30 8.06
N TYR A 178 7.39 -9.13 7.44
CA TYR A 178 7.86 -10.21 6.52
C TYR A 178 7.48 -9.94 5.08
N ALA A 179 6.42 -9.15 4.88
CA ALA A 179 6.00 -8.82 3.51
C ALA A 179 5.68 -7.33 3.45
N SER A 180 6.58 -6.59 2.81
CA SER A 180 6.43 -5.15 2.61
C SER A 180 7.62 -4.75 1.76
N GLY A 181 7.61 -3.50 1.29
CA GLY A 181 8.81 -2.96 0.60
C GLY A 181 10.01 -2.90 1.53
N ARG A 182 9.76 -2.55 2.80
CA ARG A 182 10.85 -2.52 3.78
C ARG A 182 11.45 -3.90 4.00
N ALA A 183 10.60 -4.95 4.04
CA ALA A 183 11.09 -6.32 4.17
C ALA A 183 11.90 -6.72 2.95
N LEU A 184 11.41 -6.37 1.75
CA LEU A 184 12.20 -6.60 0.53
C LEU A 184 13.62 -6.03 0.64
N VAL A 185 13.71 -4.75 1.05
CA VAL A 185 15.01 -4.11 1.23
C VAL A 185 15.85 -4.85 2.24
N ARG A 186 15.23 -5.26 3.35
CA ARG A 186 15.92 -6.03 4.36
C ARG A 186 16.50 -7.33 3.80
N TYR A 187 15.70 -8.04 2.99
CA TYR A 187 16.12 -9.31 2.43
C TYR A 187 17.30 -9.12 1.52
N ALA A 188 17.25 -8.06 0.72
CA ALA A 188 18.35 -7.80 -0.23
C ALA A 188 19.62 -7.38 0.48
N LYS A 189 19.50 -6.57 1.52
CA LYS A 189 20.70 -6.17 2.28
C LYS A 189 21.33 -7.35 3.00
N GLN A 190 20.51 -8.23 3.59
CA GLN A 190 20.99 -9.48 4.18
C GLN A 190 21.79 -10.29 3.16
N ARG A 191 21.24 -10.45 1.96
CA ARG A 191 21.82 -11.33 0.95
C ARG A 191 23.03 -10.70 0.28
N ALA A 192 22.98 -9.39 0.07
CA ALA A 192 24.14 -8.69 -0.52
C ALA A 192 25.32 -8.64 0.46
N ASN A 193 25.00 -8.55 1.76
CA ASN A 193 26.05 -8.61 2.78
C ASN A 193 26.70 -9.98 2.86
N ALA A 194 25.90 -11.03 2.75
CA ALA A 194 26.41 -12.41 2.80
C ALA A 194 27.21 -12.80 1.55
N THR A 195 26.67 -12.49 0.37
CA THR A 195 27.28 -12.89 -0.91
C THR A 195 27.30 -11.73 -1.91
N PRO A 196 28.19 -10.74 -1.68
CA PRO A 196 28.28 -9.55 -2.54
C PRO A 196 28.62 -9.88 -3.99
N GLU A 197 29.34 -10.98 -4.18
CA GLU A 197 29.72 -11.46 -5.51
C GLU A 197 28.49 -11.86 -6.36
N ASN A 198 27.37 -12.13 -5.70
CA ASN A 198 26.12 -12.41 -6.40
C ASN A 198 25.20 -11.19 -6.48
N ALA A 199 25.72 -10.03 -6.07
CA ALA A 199 24.96 -8.79 -6.01
C ALA A 199 25.59 -7.64 -6.81
N ALA A 200 26.53 -7.98 -7.69
CA ALA A 200 27.29 -6.96 -8.43
C ALA A 200 26.41 -5.92 -9.15
N VAL A 201 25.42 -6.41 -9.90
CA VAL A 201 24.48 -5.53 -10.60
C VAL A 201 23.67 -4.67 -9.61
N LEU A 202 23.15 -5.29 -8.56
CA LEU A 202 22.39 -4.56 -7.55
C LEU A 202 23.19 -3.44 -6.91
N LEU A 203 24.39 -3.76 -6.44
CA LEU A 203 25.25 -2.76 -5.81
C LEU A 203 25.67 -1.65 -6.78
N GLY A 204 25.90 -2.02 -8.04
CA GLY A 204 26.23 -1.05 -9.09
C GLY A 204 25.15 -0.02 -9.39
N LEU A 205 23.89 -0.35 -9.07
CA LEU A 205 22.78 0.58 -9.28
C LEU A 205 22.70 1.63 -8.17
N GLY A 206 23.39 1.39 -7.07
CA GLY A 206 23.39 2.31 -5.95
C GLY A 206 24.72 3.03 -5.84
N ASP A 207 25.26 3.09 -4.63
CA ASP A 207 26.61 3.67 -4.44
C ASP A 207 27.70 2.60 -4.28
N GLY A 208 27.32 1.33 -4.44
CA GLY A 208 28.26 0.22 -4.33
C GLY A 208 28.28 -0.45 -2.97
N SER A 209 27.60 0.17 -2.00
CA SER A 209 27.53 -0.36 -0.64
C SER A 209 26.19 -1.03 -0.36
N VAL A 210 26.18 -1.91 0.64
CA VAL A 210 24.95 -2.56 1.11
C VAL A 210 23.96 -1.52 1.62
N ASP A 211 24.46 -0.55 2.39
CA ASP A 211 23.64 0.50 2.98
C ASP A 211 22.93 1.36 1.94
N GLY A 212 23.52 1.42 0.75
CA GLY A 212 22.98 2.22 -0.37
C GLY A 212 21.94 1.50 -1.22
N ILE A 213 21.61 0.26 -0.87
CA ILE A 213 20.58 -0.49 -1.62
C ILE A 213 19.20 0.12 -1.36
N GLU A 214 18.50 0.49 -2.44
CA GLU A 214 17.14 1.01 -2.37
C GLU A 214 16.16 0.07 -3.06
N GLY A 215 14.88 0.11 -2.63
CA GLY A 215 13.87 -0.79 -3.21
C GLY A 215 13.89 -0.82 -4.73
N LYS A 216 13.86 0.34 -5.36
CA LYS A 216 13.82 0.40 -6.83
C LYS A 216 15.05 -0.24 -7.48
N HIS A 217 16.20 -0.19 -6.81
CA HIS A 217 17.41 -0.88 -7.31
C HIS A 217 17.17 -2.38 -7.35
N ILE A 218 16.52 -2.93 -6.31
CA ILE A 218 16.28 -4.36 -6.24
C ILE A 218 15.41 -4.82 -7.41
N SER A 219 14.40 -4.03 -7.73
CA SER A 219 13.50 -4.33 -8.85
C SER A 219 14.26 -4.33 -10.17
N GLU A 220 14.97 -3.24 -10.45
CA GLU A 220 15.74 -3.14 -11.68
C GLU A 220 16.78 -4.25 -11.80
N ALA A 221 17.52 -4.49 -10.71
CA ALA A 221 18.51 -5.56 -10.68
C ALA A 221 17.90 -6.94 -10.93
N ALA A 222 16.75 -7.23 -10.33
CA ALA A 222 16.05 -8.50 -10.58
C ALA A 222 15.65 -8.66 -12.06
N ARG A 223 15.20 -7.57 -12.69
CA ARG A 223 14.88 -7.61 -14.13
C ARG A 223 16.09 -8.02 -14.94
N GLN A 224 17.27 -7.57 -14.50
CA GLN A 224 18.53 -7.87 -15.18
C GLN A 224 19.11 -9.21 -14.75
N GLY A 225 18.42 -9.90 -13.84
CA GLY A 225 18.78 -11.25 -13.43
C GLY A 225 19.78 -11.36 -12.30
N ASP A 226 19.97 -10.26 -11.56
CA ASP A 226 20.85 -10.24 -10.40
C ASP A 226 20.34 -11.29 -9.42
N PRO A 227 21.17 -12.31 -9.11
CA PRO A 227 20.70 -13.45 -8.30
C PRO A 227 20.22 -13.06 -6.90
N VAL A 228 20.94 -12.13 -6.27
CA VAL A 228 20.56 -11.68 -4.92
C VAL A 228 19.22 -10.95 -4.97
N ALA A 229 19.01 -10.13 -5.99
CA ALA A 229 17.74 -9.42 -6.13
C ALA A 229 16.60 -10.41 -6.40
N VAL A 230 16.83 -11.38 -7.28
CA VAL A 230 15.83 -12.40 -7.58
C VAL A 230 15.48 -13.18 -6.32
N ASP A 231 16.50 -13.55 -5.54
CA ASP A 231 16.29 -14.28 -4.28
C ASP A 231 15.49 -13.48 -3.23
N SER A 232 15.71 -12.17 -3.21
CA SER A 232 14.99 -11.28 -2.29
C SER A 232 13.49 -11.24 -2.64
N PHE A 233 13.19 -11.16 -3.93
CA PHE A 233 11.81 -11.25 -4.38
C PHE A 233 11.20 -12.60 -4.03
N ARG A 234 12.00 -13.68 -4.13
CA ARG A 234 11.54 -15.02 -3.73
C ARG A 234 11.13 -15.05 -2.25
N GLU A 235 11.95 -14.44 -1.41
CA GLU A 235 11.66 -14.42 0.04
C GLU A 235 10.43 -13.56 0.31
N LEU A 236 10.33 -12.40 -0.34
CA LEU A 236 9.12 -11.56 -0.19
C LEU A 236 7.87 -12.35 -0.57
N ALA A 237 7.95 -13.07 -1.69
CA ALA A 237 6.83 -13.87 -2.20
C ALA A 237 6.46 -15.03 -1.30
N ARG A 238 7.43 -15.65 -0.63
CA ARG A 238 7.18 -16.70 0.36
C ARG A 238 6.17 -16.22 1.38
N TRP A 239 6.45 -15.04 1.92
CA TRP A 239 5.58 -14.51 2.98
C TRP A 239 4.33 -13.86 2.42
N ALA A 240 4.44 -13.15 1.29
CA ALA A 240 3.26 -12.50 0.75
C ALA A 240 2.25 -13.57 0.27
N GLY A 241 2.74 -14.56 -0.45
CA GLY A 241 1.87 -15.64 -0.95
C GLY A 241 1.25 -16.48 0.14
N ALA A 242 2.02 -16.84 1.18
CA ALA A 242 1.46 -17.58 2.32
C ALA A 242 0.35 -16.79 2.99
N GLY A 243 0.55 -15.49 3.13
CA GLY A 243 -0.47 -14.64 3.73
C GLY A 243 -1.70 -14.54 2.85
N LEU A 244 -1.53 -14.43 1.54
CA LEU A 244 -2.69 -14.43 0.62
C LEU A 244 -3.46 -15.74 0.72
N ALA A 245 -2.74 -16.85 0.89
CA ALA A 245 -3.45 -18.12 1.10
C ALA A 245 -4.27 -18.08 2.39
N ASP A 246 -3.72 -17.50 3.45
CA ASP A 246 -4.53 -17.30 4.69
C ASP A 246 -5.75 -16.38 4.43
N LEU A 247 -5.56 -15.33 3.65
CA LEU A 247 -6.69 -14.47 3.33
C LEU A 247 -7.75 -15.18 2.51
N ALA A 248 -7.35 -16.17 1.70
CA ALA A 248 -8.32 -17.00 0.95
C ALA A 248 -9.14 -17.82 1.93
N SER A 249 -8.47 -18.35 2.97
CA SER A 249 -9.18 -19.09 4.03
C SER A 249 -10.18 -18.20 4.75
N LEU A 250 -9.81 -16.93 4.95
CA LEU A 250 -10.64 -15.96 5.67
C LEU A 250 -11.81 -15.45 4.83
N PHE A 251 -11.51 -14.95 3.62
CA PHE A 251 -12.47 -14.17 2.82
C PHE A 251 -12.98 -14.88 1.56
N ASP A 252 -12.21 -15.84 1.07
CA ASP A 252 -12.53 -16.51 -0.22
C ASP A 252 -13.02 -15.55 -1.34
N PRO A 253 -12.21 -14.53 -1.70
CA PRO A 253 -12.64 -13.56 -2.73
C PRO A 253 -12.45 -14.14 -4.14
N SER A 254 -12.98 -13.46 -5.15
CA SER A 254 -12.70 -13.87 -6.52
C SER A 254 -11.29 -13.44 -6.95
N ALA A 255 -10.80 -12.36 -6.35
CA ALA A 255 -9.47 -11.86 -6.68
C ALA A 255 -8.79 -11.20 -5.49
N PHE A 256 -7.47 -11.38 -5.47
CA PHE A 256 -6.54 -10.57 -4.69
C PHE A 256 -5.86 -9.58 -5.59
N ILE A 257 -5.75 -8.35 -5.08
CA ILE A 257 -5.12 -7.25 -5.85
C ILE A 257 -3.98 -6.73 -5.02
N VAL A 258 -2.78 -6.77 -5.59
CA VAL A 258 -1.56 -6.38 -4.88
C VAL A 258 -1.15 -4.99 -5.34
N GLY A 259 -1.13 -4.04 -4.40
CA GLY A 259 -0.79 -2.65 -4.69
C GLY A 259 0.45 -2.24 -3.88
N GLY A 260 0.57 -0.95 -3.64
CA GLY A 260 1.79 -0.40 -3.03
C GLY A 260 2.78 -0.02 -4.09
N GLY A 261 3.81 0.74 -3.71
CA GLY A 261 4.86 1.11 -4.67
C GLY A 261 5.46 -0.03 -5.44
N VAL A 262 5.73 -1.16 -4.80
CA VAL A 262 6.39 -2.21 -5.59
C VAL A 262 5.48 -2.86 -6.64
N SER A 263 4.16 -2.69 -6.49
CA SER A 263 3.24 -3.22 -7.51
C SER A 263 3.44 -2.53 -8.86
N ASP A 264 4.12 -1.38 -8.86
CA ASP A 264 4.50 -0.72 -10.10
C ASP A 264 5.32 -1.62 -11.00
N GLU A 265 5.93 -2.65 -10.39
CA GLU A 265 6.78 -3.56 -11.15
C GLU A 265 6.03 -4.68 -11.89
N GLY A 266 4.73 -4.81 -11.63
CA GLY A 266 3.90 -5.78 -12.35
C GLY A 266 4.35 -7.21 -12.13
N GLU A 267 4.44 -7.99 -13.21
CA GLU A 267 4.72 -9.43 -13.11
C GLU A 267 6.06 -9.77 -12.46
N LEU A 268 7.01 -8.83 -12.47
CA LEU A 268 8.30 -9.07 -11.79
C LEU A 268 8.06 -9.55 -10.35
N VAL A 269 7.15 -8.87 -9.68
CA VAL A 269 6.76 -9.23 -8.30
C VAL A 269 5.48 -10.08 -8.24
N LEU A 270 4.54 -9.85 -9.15
CA LEU A 270 3.28 -10.60 -9.09
C LEU A 270 3.42 -12.09 -9.41
N ASP A 271 4.31 -12.44 -10.34
CA ASP A 271 4.47 -13.84 -10.72
C ASP A 271 4.98 -14.71 -9.55
N PRO A 272 6.07 -14.28 -8.85
CA PRO A 272 6.43 -15.08 -7.68
C PRO A 272 5.38 -15.09 -6.59
N ILE A 273 4.67 -13.97 -6.40
CA ILE A 273 3.62 -13.94 -5.36
C ILE A 273 2.48 -14.91 -5.71
N ARG A 274 2.06 -14.88 -6.96
CA ARG A 274 1.00 -15.78 -7.44
C ARG A 274 1.37 -17.26 -7.29
N LYS A 275 2.59 -17.59 -7.69
CA LYS A 275 3.08 -18.98 -7.60
C LYS A 275 3.12 -19.41 -6.12
N SER A 276 3.59 -18.51 -5.26
CA SER A 276 3.61 -18.82 -3.83
C SER A 276 2.20 -19.03 -3.26
N PHE A 277 1.27 -18.13 -3.61
CA PHE A 277 -0.14 -18.27 -3.24
C PHE A 277 -0.65 -19.67 -3.60
N ARG A 278 -0.42 -20.09 -4.85
CA ARG A 278 -0.89 -21.41 -5.27
C ARG A 278 -0.25 -22.56 -4.51
N ARG A 279 1.01 -22.40 -4.10
CA ARG A 279 1.66 -23.45 -3.30
C ARG A 279 1.08 -23.56 -1.90
N TRP A 280 0.69 -22.42 -1.32
CA TRP A 280 0.20 -22.41 0.06
C TRP A 280 -1.31 -22.63 0.21
N LEU A 281 -2.09 -22.43 -0.87
CA LEU A 281 -3.56 -22.50 -0.79
C LEU A 281 -4.05 -23.87 -0.28
N ILE A 282 -4.79 -23.86 0.84
CA ILE A 282 -5.28 -25.08 1.55
C ILE A 282 -6.15 -25.90 0.60
N GLY A 283 -6.04 -27.22 0.69
CA GLY A 283 -7.06 -28.09 0.10
C GLY A 283 -6.70 -28.56 -1.29
N GLY A 284 -5.49 -28.21 -1.73
CA GLY A 284 -4.94 -28.69 -2.98
C GLY A 284 -5.89 -28.57 -4.14
N GLU A 285 -6.22 -29.72 -4.73
CA GLU A 285 -6.96 -29.77 -5.99
C GLU A 285 -8.47 -29.66 -5.81
N TRP A 286 -8.91 -29.67 -4.55
CA TRP A 286 -10.32 -29.84 -4.20
C TRP A 286 -11.15 -28.55 -4.16
N ARG A 287 -10.45 -27.41 -4.21
CA ARG A 287 -11.09 -26.09 -4.08
C ARG A 287 -10.57 -25.06 -5.09
N PRO A 288 -11.41 -24.08 -5.46
CA PRO A 288 -11.00 -23.15 -6.49
C PRO A 288 -10.02 -22.09 -5.99
N HIS A 289 -9.29 -21.50 -6.94
CA HIS A 289 -8.32 -20.46 -6.58
C HIS A 289 -8.72 -19.08 -7.08
N ALA A 290 -8.52 -18.08 -6.24
CA ALA A 290 -8.70 -16.68 -6.64
C ALA A 290 -7.65 -16.28 -7.65
N GLN A 291 -7.96 -15.23 -8.41
CA GLN A 291 -6.95 -14.55 -9.21
C GLN A 291 -6.05 -13.76 -8.27
N VAL A 292 -4.81 -13.58 -8.71
CA VAL A 292 -3.86 -12.71 -8.00
C VAL A 292 -3.38 -11.71 -9.04
N LEU A 293 -3.73 -10.45 -8.82
CA LEU A 293 -3.56 -9.40 -9.85
C LEU A 293 -2.78 -8.22 -9.33
N ALA A 294 -1.96 -7.62 -10.20
CA ALA A 294 -1.36 -6.34 -9.87
C ALA A 294 -2.43 -5.27 -9.87
N ALA A 295 -2.32 -4.31 -8.95
CA ALA A 295 -3.12 -3.09 -9.01
C ALA A 295 -2.88 -2.44 -10.37
N GLN A 296 -3.96 -2.26 -11.12
CA GLN A 296 -3.87 -1.62 -12.43
C GLN A 296 -3.36 -0.18 -12.34
N LEU A 297 -3.68 0.49 -11.24
CA LEU A 297 -3.23 1.85 -10.98
C LEU A 297 -1.88 1.88 -10.28
N GLY A 298 -1.35 0.70 -9.95
CA GLY A 298 -0.06 0.59 -9.28
C GLY A 298 -0.11 1.35 -7.98
N GLY A 299 0.99 2.03 -7.66
CA GLY A 299 1.12 2.80 -6.42
C GLY A 299 0.16 3.99 -6.33
N LYS A 300 -0.47 4.35 -7.44
CA LYS A 300 -1.44 5.45 -7.44
C LYS A 300 -2.87 5.07 -7.04
N ALA A 301 -3.13 3.79 -6.74
CA ALA A 301 -4.49 3.37 -6.45
C ALA A 301 -5.09 4.12 -5.26
N GLY A 302 -4.27 4.36 -4.23
CA GLY A 302 -4.75 4.97 -3.02
C GLY A 302 -5.20 6.41 -3.25
N LEU A 303 -4.43 7.17 -4.02
CA LEU A 303 -4.82 8.57 -4.23
C LEU A 303 -6.08 8.63 -5.09
N VAL A 304 -6.18 7.74 -6.08
CA VAL A 304 -7.39 7.66 -6.92
C VAL A 304 -8.61 7.26 -6.06
N GLY A 305 -8.47 6.18 -5.29
CA GLY A 305 -9.56 5.77 -4.46
C GLY A 305 -9.96 6.81 -3.43
N ALA A 306 -8.97 7.48 -2.82
CA ALA A 306 -9.26 8.52 -1.83
C ALA A 306 -10.00 9.71 -2.45
N ALA A 307 -9.57 10.11 -3.64
CA ALA A 307 -10.26 11.15 -4.42
C ALA A 307 -11.71 10.75 -4.66
N ASP A 308 -11.92 9.49 -5.06
CA ASP A 308 -13.27 9.06 -5.38
C ASP A 308 -14.12 8.94 -4.13
N LEU A 309 -13.52 8.51 -3.01
CA LEU A 309 -14.27 8.43 -1.75
C LEU A 309 -14.67 9.83 -1.24
N ALA A 310 -13.88 10.85 -1.59
CA ALA A 310 -14.23 12.24 -1.25
C ALA A 310 -15.46 12.68 -2.04
N ARG A 311 -15.54 12.25 -3.30
CA ARG A 311 -16.61 12.63 -4.22
C ARG A 311 -17.95 12.02 -3.81
N GLN A 312 -17.90 10.84 -3.19
CA GLN A 312 -19.09 10.22 -2.62
C GLN A 312 -19.34 10.63 -1.15
N GLY A 313 -18.90 11.83 -0.80
CA GLY A 313 -19.20 12.43 0.51
C GLY A 313 -20.22 13.55 0.40
ZN ZN B . 2.46 -4.81 13.77
NA NA C . -6.97 -0.92 5.46
C2 BGC D . -0.69 0.51 8.81
C3 BGC D . -1.89 0.50 7.87
C4 BGC D . -1.52 0.98 6.47
C5 BGC D . -0.32 0.17 6.00
C6 BGC D . 0.16 0.59 4.61
C1 BGC D . 0.43 -0.30 8.16
O1 BGC D . 1.60 -0.25 8.93
O2 BGC D . -1.08 -0.15 10.02
O3 BGC D . -2.91 1.31 8.37
O4 BGC D . -2.61 0.73 5.58
O5 BGC D . 0.77 0.28 6.91
O6 BGC D . 0.54 1.96 4.60
PB ANP E . 4.60 4.55 1.08
O1B ANP E . 4.60 3.34 2.02
O2B ANP E . 5.16 5.82 1.65
N3B ANP E . 2.99 4.87 0.59
PA ANP E . 5.65 2.95 -1.12
O1A ANP E . 6.44 3.38 -2.36
O2A ANP E . 4.32 2.28 -1.26
O3A ANP E . 5.56 4.24 -0.17
O5' ANP E . 6.57 1.98 -0.22
C5' ANP E . 7.91 2.33 0.14
C4' ANP E . 8.71 1.06 0.38
O4' ANP E . 8.59 0.18 -0.75
C3' ANP E . 10.18 1.39 0.52
O3' ANP E . 10.77 0.35 1.32
C2' ANP E . 10.65 1.26 -0.91
O2' ANP E . 12.03 0.99 -0.99
C1' ANP E . 9.82 0.13 -1.47
N9 ANP E . 9.46 0.37 -2.88
C8 ANP E . 8.66 1.34 -3.39
N7 ANP E . 8.57 1.23 -4.75
C5 ANP E . 9.29 0.15 -5.09
C6 ANP E . 9.66 -0.56 -6.35
N6 ANP E . 9.18 -0.14 -7.55
N1 ANP E . 10.44 -1.66 -6.24
C2 ANP E . 10.93 -2.13 -5.06
N3 ANP E . 10.65 -1.52 -3.89
C4 ANP E . 9.87 -0.43 -3.87
#